data_7EYO
#
_entry.id   7EYO
#
_cell.length_a   43.514
_cell.length_b   69.474
_cell.length_c   86.739
_cell.angle_alpha   90.000
_cell.angle_beta   95.970
_cell.angle_gamma   90.000
#
_symmetry.space_group_name_H-M   'P 1 21 1'
#
loop_
_entity.id
_entity.type
_entity.pdbx_description
1 polymer Hyaluronoglucuronidase
2 branched 2-acetamido-2-deoxy-beta-D-glucopyranose-(1-4)-2-acetamido-2-deoxy-beta-D-glucopyranose
3 non-polymer GLYCEROL
4 water water
#
_entity_poly.entity_id   1
_entity_poly.type   'polypeptide(L)'
_entity_poly.pdbx_seq_one_letter_code
;MHHHHHHMKEIAVTIDDKNVIASVSESFHGVAFDASLFSPKGLWSFVDITSPKLFKLLEGLSPGYFRVGGTFANWLFFDL
DENNKWKDYWAFKDKTPETATITRRWLFRKQNNLKKETFDDLVKLTKGSKMRLLFDLNAEVRTGYEIGKKMTSTWDSSEA
EKLFKYCVSKGYGDNIDWELGNEPDHTSAHNLTEKQVGEDFKALHKVLEKYPTLNKGSLVGPDVGWMGVSYVKGLADGAG
DHVTAFTLHQYYFDGNTSDVSTYLDATYFKKLQQLFDKVKDVLKNSPHKDKPLWLGETSSGYNSGTKDVSDRYVSGFLTL
DKLGLSAANNVKVVIRQTIYNGYYGLLDKNTLEPNPDYWLMHVHNSLVGNTVFKVDVSDPTNKARVYAQCTKTNSKHTQS
RYYKGSLTIFALNVGDEDVTLKIDQYSGKKIYSYILTPEGGQLTSQKVLLNGKELKLVSDQLPELNADESKTSFTLSPKT
FGFFVVSDANVEACKK
;
_entity_poly.pdbx_strand_id   A
#
# COMPACT_ATOMS: atom_id res chain seq x y z
N GLU A 10 -0.98 33.82 0.34
CA GLU A 10 0.28 33.66 1.13
C GLU A 10 1.28 32.77 0.40
N ILE A 11 0.81 31.72 -0.28
CA ILE A 11 1.67 30.74 -1.00
C ILE A 11 1.24 30.71 -2.47
N ALA A 12 2.18 31.01 -3.36
CA ALA A 12 2.05 30.97 -4.83
C ALA A 12 2.02 29.52 -5.34
N VAL A 13 1.05 29.19 -6.20
CA VAL A 13 0.83 27.82 -6.74
C VAL A 13 0.43 27.91 -8.21
N THR A 14 1.23 27.29 -9.07
CA THR A 14 0.94 27.03 -10.51
C THR A 14 0.67 25.53 -10.72
N ILE A 15 -0.42 25.17 -11.37
CA ILE A 15 -0.72 23.78 -11.83
C ILE A 15 -0.66 23.75 -13.36
N ASP A 16 0.27 22.99 -13.95
CA ASP A 16 0.31 22.76 -15.41
C ASP A 16 -0.78 21.75 -15.76
N ASP A 17 -2.01 22.23 -15.95
CA ASP A 17 -3.19 21.36 -16.22
C ASP A 17 -3.26 20.98 -17.70
N LYS A 18 -2.19 21.22 -18.44
CA LYS A 18 -2.13 20.93 -19.90
C LYS A 18 -1.34 19.65 -20.16
N ASN A 19 -0.37 19.30 -19.33
CA ASN A 19 0.54 18.14 -19.56
C ASN A 19 0.31 17.10 -18.46
N VAL A 20 -0.15 15.92 -18.85
CA VAL A 20 -0.37 14.75 -17.95
C VAL A 20 1.00 14.17 -17.65
N ILE A 21 1.44 14.21 -16.39
CA ILE A 21 2.79 13.71 -15.97
C ILE A 21 2.68 12.26 -15.49
N ALA A 22 1.47 11.75 -15.24
CA ALA A 22 1.29 10.36 -14.75
C ALA A 22 -0.16 9.95 -14.94
N SER A 23 -0.31 8.65 -15.09
CA SER A 23 -1.61 7.94 -15.11
C SER A 23 -1.50 6.73 -14.16
N VAL A 24 -2.03 6.85 -12.96
CA VAL A 24 -1.94 5.75 -11.96
C VAL A 24 -3.02 4.72 -12.26
N SER A 25 -2.98 3.61 -11.56
CA SER A 25 -4.00 2.56 -11.62
C SER A 25 -5.35 3.17 -11.25
N GLU A 26 -6.41 2.69 -11.90
CA GLU A 26 -7.78 2.90 -11.39
C GLU A 26 -7.92 2.26 -10.00
N SER A 27 -7.12 1.22 -9.72
CA SER A 27 -7.06 0.51 -8.42
C SER A 27 -5.88 1.04 -7.59
N PHE A 28 -5.85 2.35 -7.39
CA PHE A 28 -4.70 3.06 -6.82
C PHE A 28 -4.50 2.64 -5.36
N HIS A 29 -5.59 2.51 -4.61
CA HIS A 29 -5.50 2.27 -3.13
C HIS A 29 -5.34 0.80 -2.83
N GLY A 30 -4.53 0.48 -1.81
CA GLY A 30 -4.44 -0.90 -1.32
C GLY A 30 -4.21 -0.92 0.17
N VAL A 31 -4.44 -2.06 0.78
CA VAL A 31 -4.27 -2.28 2.24
C VAL A 31 -3.53 -3.58 2.42
N ALA A 32 -2.66 -3.63 3.42
CA ALA A 32 -1.89 -4.85 3.68
C ALA A 32 -2.48 -5.57 4.88
N PHE A 33 -2.61 -6.88 4.74
CA PHE A 33 -3.01 -7.85 5.76
C PHE A 33 -1.75 -8.68 6.06
N ASP A 34 -1.06 -8.32 7.13
CA ASP A 34 0.28 -8.90 7.41
C ASP A 34 0.25 -10.40 7.68
N ALA A 35 1.18 -11.14 7.06
CA ALA A 35 1.25 -12.60 7.26
C ALA A 35 1.59 -12.89 8.74
N SER A 36 2.01 -11.92 9.56
CA SER A 36 2.21 -12.16 11.02
C SER A 36 0.86 -12.33 11.75
N LEU A 37 -0.28 -12.22 11.07
CA LEU A 37 -1.62 -12.56 11.63
C LEU A 37 -1.87 -14.06 11.67
N PHE A 38 -1.02 -14.88 11.04
CA PHE A 38 -1.12 -16.35 11.07
C PHE A 38 -0.20 -16.95 12.16
N SER A 39 -0.65 -18.08 12.69
CA SER A 39 0.02 -18.90 13.73
C SER A 39 0.01 -20.32 13.23
N PRO A 40 0.71 -21.26 13.92
CA PRO A 40 0.64 -22.69 13.57
C PRO A 40 -0.78 -23.26 13.58
N LYS A 41 -1.71 -22.60 14.25
CA LYS A 41 -3.13 -23.04 14.37
C LYS A 41 -4.03 -22.23 13.43
N GLY A 42 -3.48 -21.34 12.60
CA GLY A 42 -4.29 -20.46 11.74
C GLY A 42 -4.31 -19.03 12.23
N LEU A 43 -5.32 -18.25 11.83
CA LEU A 43 -5.35 -16.82 12.21
C LEU A 43 -5.42 -16.71 13.73
N TRP A 44 -4.85 -15.67 14.30
CA TRP A 44 -5.12 -15.35 15.74
C TRP A 44 -6.63 -15.17 15.92
N SER A 45 -7.14 -15.44 17.12
CA SER A 45 -8.61 -15.46 17.37
C SER A 45 -9.21 -14.07 17.20
N PHE A 46 -8.49 -12.98 17.42
CA PHE A 46 -9.05 -11.62 17.26
C PHE A 46 -9.31 -11.28 15.78
N VAL A 47 -8.70 -11.99 14.84
CA VAL A 47 -8.71 -11.53 13.41
C VAL A 47 -10.11 -11.73 12.80
N ASP A 48 -10.65 -10.63 12.27
CA ASP A 48 -11.98 -10.57 11.61
C ASP A 48 -11.81 -10.30 10.11
N ILE A 49 -12.09 -11.31 9.28
CA ILE A 49 -12.12 -11.18 7.78
C ILE A 49 -13.52 -11.54 7.25
N THR A 50 -14.56 -11.51 8.10
CA THR A 50 -15.92 -11.96 7.69
C THR A 50 -17.02 -10.97 8.04
N SER A 51 -16.81 -10.02 8.94
CA SER A 51 -17.88 -9.04 9.32
C SER A 51 -18.32 -8.22 8.12
N PRO A 52 -19.65 -8.08 7.92
CA PRO A 52 -20.18 -7.15 6.93
C PRO A 52 -19.53 -5.77 6.97
N LYS A 53 -19.27 -5.30 8.17
CA LYS A 53 -18.58 -4.01 8.43
C LYS A 53 -17.30 -3.92 7.58
N LEU A 54 -16.54 -4.99 7.54
CA LEU A 54 -15.19 -4.91 6.90
C LEU A 54 -15.42 -4.81 5.40
N PHE A 55 -16.43 -5.51 4.92
CA PHE A 55 -16.76 -5.47 3.48
C PHE A 55 -17.06 -4.03 3.10
N LYS A 56 -17.82 -3.30 3.93
CA LYS A 56 -18.21 -1.90 3.64
C LYS A 56 -16.99 -0.98 3.70
N LEU A 57 -16.14 -1.15 4.70
CA LEU A 57 -14.95 -0.28 4.81
C LEU A 57 -14.01 -0.53 3.60
N LEU A 58 -13.81 -1.76 3.19
CA LEU A 58 -12.87 -2.03 2.06
C LEU A 58 -13.50 -1.47 0.78
N GLU A 59 -14.80 -1.72 0.56
CA GLU A 59 -15.51 -1.12 -0.59
C GLU A 59 -15.19 0.36 -0.64
N GLY A 60 -15.08 1.03 0.53
CA GLY A 60 -14.78 2.45 0.53
C GLY A 60 -13.42 2.78 0.01
N LEU A 61 -12.54 1.78 -0.17
CA LEU A 61 -11.20 2.08 -0.78
C LEU A 61 -11.09 1.46 -2.16
N SER A 62 -12.22 0.93 -2.68
CA SER A 62 -12.29 0.19 -3.96
C SER A 62 -12.40 1.11 -5.19
N PRO A 63 -12.03 0.62 -6.39
CA PRO A 63 -11.32 -0.65 -6.63
C PRO A 63 -9.87 -0.59 -6.14
N GLY A 64 -9.43 -1.65 -5.50
CA GLY A 64 -8.08 -1.61 -4.91
C GLY A 64 -7.45 -2.95 -4.74
N TYR A 65 -6.46 -2.97 -3.85
CA TYR A 65 -5.64 -4.18 -3.58
C TYR A 65 -5.64 -4.52 -2.09
N PHE A 66 -5.72 -5.81 -1.83
CA PHE A 66 -5.70 -6.41 -0.48
C PHE A 66 -4.49 -7.35 -0.49
N ARG A 67 -3.38 -6.90 0.11
CA ARG A 67 -2.12 -7.68 0.07
C ARG A 67 -2.01 -8.57 1.30
N VAL A 68 -1.89 -9.88 1.09
CA VAL A 68 -1.63 -10.86 2.16
C VAL A 68 -0.13 -11.21 2.05
N GLY A 69 0.69 -10.74 2.97
CA GLY A 69 2.14 -10.88 2.76
C GLY A 69 3.00 -10.26 3.83
N GLY A 70 4.27 -10.10 3.52
CA GLY A 70 5.25 -9.51 4.43
C GLY A 70 6.26 -10.53 4.83
N THR A 71 7.08 -10.21 5.84
CA THR A 71 8.24 -11.04 6.25
C THR A 71 7.74 -12.45 6.57
N PHE A 72 6.62 -12.57 7.28
CA PHE A 72 6.12 -13.86 7.77
C PHE A 72 5.55 -14.71 6.62
N ALA A 73 5.49 -14.20 5.40
CA ALA A 73 4.98 -14.97 4.24
C ALA A 73 5.93 -16.13 3.97
N ASN A 74 7.20 -15.98 4.38
CA ASN A 74 8.23 -17.00 4.10
C ASN A 74 8.18 -18.15 5.12
N TRP A 75 7.15 -18.23 5.96
CA TRP A 75 6.91 -19.47 6.74
C TRP A 75 5.41 -19.72 6.90
N LEU A 76 4.64 -19.27 5.92
CA LEU A 76 3.21 -19.57 5.83
C LEU A 76 3.06 -20.78 4.91
N PHE A 77 2.16 -21.69 5.27
CA PHE A 77 1.96 -22.97 4.56
C PHE A 77 0.46 -23.25 4.42
N PHE A 78 0.00 -23.40 3.19
CA PHE A 78 -1.42 -23.66 2.84
C PHE A 78 -1.80 -25.05 3.34
N ASP A 79 -2.87 -25.11 4.13
CA ASP A 79 -3.44 -26.40 4.62
C ASP A 79 -2.33 -27.20 5.31
N LEU A 80 -1.63 -26.61 6.28
CA LEU A 80 -0.51 -27.22 7.03
C LEU A 80 -1.05 -28.45 7.79
N ASP A 81 -0.46 -29.62 7.63
CA ASP A 81 -0.84 -30.82 8.42
C ASP A 81 0.44 -31.53 8.84
N GLU A 82 0.31 -32.57 9.66
CA GLU A 82 1.38 -33.47 10.19
C GLU A 82 2.24 -34.07 9.07
N ASN A 83 1.78 -34.13 7.82
CA ASN A 83 2.54 -34.77 6.71
C ASN A 83 3.26 -33.72 5.85
N ASN A 84 3.10 -32.42 6.14
CA ASN A 84 3.71 -31.33 5.33
C ASN A 84 5.14 -31.71 4.90
N LYS A 85 5.51 -31.40 3.67
CA LYS A 85 6.85 -31.67 3.09
C LYS A 85 7.94 -30.99 3.91
N TRP A 86 7.68 -29.77 4.38
CA TRP A 86 8.74 -28.90 4.95
C TRP A 86 8.93 -29.06 6.46
N LYS A 87 8.13 -29.87 7.15
CA LYS A 87 8.11 -29.84 8.63
C LYS A 87 9.46 -30.30 9.21
N ASP A 88 10.23 -31.13 8.50
CA ASP A 88 11.50 -31.68 9.08
C ASP A 88 12.70 -30.90 8.56
N TYR A 89 12.46 -29.82 7.81
CA TYR A 89 13.52 -29.00 7.16
C TYR A 89 14.05 -27.94 8.14
N TRP A 90 15.39 -27.82 8.22
CA TRP A 90 16.07 -26.97 9.24
C TRP A 90 15.47 -25.55 9.35
N ALA A 91 15.13 -24.90 8.23
CA ALA A 91 14.67 -23.48 8.24
C ALA A 91 13.28 -23.39 8.91
N PHE A 92 12.55 -24.51 8.98
CA PHE A 92 11.18 -24.55 9.56
C PHE A 92 11.13 -25.34 10.88
N LYS A 93 12.29 -25.57 11.51
CA LYS A 93 12.40 -26.16 12.87
C LYS A 93 13.04 -25.13 13.78
N ASP A 94 13.12 -25.47 15.06
CA ASP A 94 13.77 -24.60 16.07
C ASP A 94 15.23 -24.44 15.66
N LYS A 95 15.76 -23.27 15.96
CA LYS A 95 17.18 -22.92 15.77
C LYS A 95 18.03 -23.92 16.55
N THR A 96 19.12 -24.37 15.96
CA THR A 96 20.12 -25.24 16.63
C THR A 96 21.41 -24.46 16.62
N PRO A 97 22.37 -24.84 17.49
CA PRO A 97 23.71 -24.24 17.43
C PRO A 97 24.24 -24.21 16.01
N GLU A 98 23.98 -25.25 15.22
CA GLU A 98 24.48 -25.38 13.84
C GLU A 98 23.76 -24.43 12.85
N THR A 99 22.51 -24.07 13.08
CA THR A 99 21.77 -23.22 12.12
C THR A 99 21.69 -21.79 12.63
N ALA A 100 22.16 -21.53 13.84
CA ALA A 100 21.96 -20.24 14.54
C ALA A 100 22.73 -19.13 13.82
N THR A 101 23.79 -19.44 13.09
CA THR A 101 24.66 -18.39 12.53
C THR A 101 24.70 -18.47 11.00
N ILE A 102 23.82 -19.25 10.35
CA ILE A 102 23.97 -19.50 8.90
C ILE A 102 23.02 -18.63 8.07
N THR A 103 22.08 -17.92 8.68
CA THR A 103 21.00 -17.23 7.93
C THR A 103 21.22 -15.72 7.98
N ARG A 104 20.44 -15.00 7.16
CA ARG A 104 20.33 -13.53 7.23
C ARG A 104 19.10 -13.21 8.08
N ARG A 105 19.28 -13.04 9.38
CA ARG A 105 18.24 -12.57 10.35
C ARG A 105 16.98 -13.43 10.35
N TRP A 106 17.09 -14.72 10.11
CA TRP A 106 15.91 -15.61 10.05
C TRP A 106 15.36 -15.79 11.46
N LEU A 107 14.06 -15.85 11.59
CA LEU A 107 13.45 -15.87 12.94
C LEU A 107 13.26 -17.30 13.46
N PHE A 108 13.36 -18.33 12.63
CA PHE A 108 13.21 -19.75 13.02
C PHE A 108 11.87 -19.96 13.73
N ARG A 109 10.80 -19.38 13.18
CA ARG A 109 9.44 -19.47 13.74
C ARG A 109 8.69 -20.73 13.27
N LYS A 110 9.35 -21.63 12.57
CA LYS A 110 8.71 -22.90 12.17
C LYS A 110 7.62 -22.63 11.13
N GLN A 111 6.40 -23.18 11.32
CA GLN A 111 5.37 -23.08 10.24
C GLN A 111 4.01 -22.55 10.69
N ASN A 112 3.48 -21.62 9.92
CA ASN A 112 2.12 -21.08 10.15
C ASN A 112 1.15 -21.69 9.15
N ASN A 113 -0.13 -21.64 9.49
CA ASN A 113 -1.14 -22.39 8.72
C ASN A 113 -2.11 -21.42 8.03
N LEU A 114 -2.13 -21.43 6.72
CA LEU A 114 -3.15 -20.72 5.92
C LEU A 114 -4.24 -21.77 5.62
N LYS A 115 -5.31 -21.75 6.41
CA LYS A 115 -6.34 -22.83 6.30
C LYS A 115 -7.15 -22.66 5.03
N LYS A 116 -7.59 -23.78 4.45
CA LYS A 116 -8.54 -23.76 3.31
C LYS A 116 -9.65 -22.73 3.56
N GLU A 117 -10.31 -22.77 4.72
CA GLU A 117 -11.52 -21.91 4.92
C GLU A 117 -11.09 -20.45 5.03
N THR A 118 -9.86 -20.17 5.49
CA THR A 118 -9.39 -18.77 5.63
C THR A 118 -9.08 -18.26 4.22
N PHE A 119 -8.49 -19.09 3.37
CA PHE A 119 -8.23 -18.66 1.97
C PHE A 119 -9.59 -18.42 1.30
N ASP A 120 -10.59 -19.30 1.53
CA ASP A 120 -11.99 -19.10 1.03
C ASP A 120 -12.53 -17.76 1.50
N ASP A 121 -12.36 -17.45 2.79
CA ASP A 121 -12.87 -16.19 3.39
C ASP A 121 -12.16 -14.99 2.76
N LEU A 122 -10.87 -15.12 2.42
CA LEU A 122 -10.13 -13.97 1.84
C LEU A 122 -10.63 -13.68 0.43
N VAL A 123 -10.87 -14.73 -0.35
CA VAL A 123 -11.39 -14.61 -1.74
C VAL A 123 -12.79 -13.99 -1.62
N LYS A 124 -13.56 -14.45 -0.63
CA LYS A 124 -14.97 -13.95 -0.48
C LYS A 124 -14.92 -12.47 -0.14
N LEU A 125 -14.01 -12.08 0.78
CA LEU A 125 -13.90 -10.68 1.27
C LEU A 125 -13.49 -9.76 0.13
N THR A 126 -12.48 -10.15 -0.65
CA THR A 126 -11.91 -9.26 -1.70
C THR A 126 -12.89 -9.14 -2.87
N LYS A 127 -13.39 -10.26 -3.35
CA LYS A 127 -14.45 -10.28 -4.41
C LYS A 127 -15.62 -9.39 -3.95
N GLY A 128 -16.10 -9.61 -2.73
CA GLY A 128 -17.17 -8.85 -2.06
C GLY A 128 -16.92 -7.37 -1.95
N SER A 129 -15.67 -6.91 -2.01
CA SER A 129 -15.29 -5.51 -1.70
C SER A 129 -14.71 -4.83 -2.93
N LYS A 130 -14.69 -5.50 -4.07
CA LYS A 130 -14.10 -4.96 -5.32
C LYS A 130 -12.60 -4.71 -5.10
N MET A 131 -11.97 -5.65 -4.42
CA MET A 131 -10.53 -5.62 -4.15
C MET A 131 -9.92 -6.81 -4.86
N ARG A 132 -8.68 -6.66 -5.33
CA ARG A 132 -7.90 -7.79 -5.84
C ARG A 132 -7.11 -8.36 -4.67
N LEU A 133 -7.03 -9.68 -4.61
CA LEU A 133 -6.24 -10.43 -3.60
C LEU A 133 -4.82 -10.56 -4.16
N LEU A 134 -3.89 -9.85 -3.55
CA LEU A 134 -2.48 -9.98 -3.95
C LEU A 134 -1.77 -10.84 -2.92
N PHE A 135 -1.43 -12.07 -3.30
CA PHE A 135 -0.97 -13.13 -2.40
C PHE A 135 0.55 -13.27 -2.52
N ASP A 136 1.22 -13.21 -1.36
CA ASP A 136 2.70 -13.24 -1.25
C ASP A 136 3.16 -14.68 -0.98
N LEU A 137 3.62 -15.37 -2.03
CA LEU A 137 4.04 -16.77 -1.96
C LEU A 137 5.36 -16.89 -1.21
N ASN A 138 5.52 -18.02 -0.55
CA ASN A 138 6.74 -18.40 0.20
C ASN A 138 7.92 -18.64 -0.76
N ALA A 139 9.03 -17.91 -0.59
CA ALA A 139 10.23 -18.03 -1.42
C ALA A 139 11.31 -18.90 -0.72
N GLU A 140 11.12 -19.27 0.51
CA GLU A 140 12.18 -19.96 1.33
C GLU A 140 11.93 -21.47 1.40
N VAL A 141 11.02 -21.99 0.57
CA VAL A 141 10.91 -23.43 0.26
C VAL A 141 11.79 -23.75 -0.95
N ARG A 142 12.95 -24.33 -0.64
CA ARG A 142 14.03 -24.44 -1.62
C ARG A 142 14.73 -25.79 -1.52
N THR A 143 15.24 -26.29 -2.63
CA THR A 143 16.03 -27.54 -2.68
C THR A 143 17.50 -27.22 -2.91
N GLY A 144 18.41 -28.19 -2.67
CA GLY A 144 19.81 -28.04 -3.11
C GLY A 144 20.74 -27.45 -2.04
N TYR A 145 20.21 -26.91 -0.93
CA TYR A 145 21.08 -26.24 0.08
C TYR A 145 21.86 -27.33 0.84
N GLU A 146 23.12 -27.07 1.17
CA GLU A 146 23.85 -27.94 2.12
C GLU A 146 24.50 -27.05 3.19
N ILE A 147 24.05 -27.20 4.42
CA ILE A 147 24.54 -26.51 5.64
C ILE A 147 26.07 -26.64 5.67
N GLY A 148 26.75 -25.49 5.64
CA GLY A 148 28.21 -25.38 5.75
C GLY A 148 28.94 -25.80 4.49
N LYS A 149 28.27 -26.17 3.39
CA LYS A 149 28.97 -26.69 2.19
C LYS A 149 28.46 -26.06 0.89
N LYS A 150 27.14 -26.00 0.71
CA LYS A 150 26.55 -25.50 -0.56
C LYS A 150 25.55 -24.39 -0.24
N MET A 151 25.86 -23.18 -0.71
CA MET A 151 25.14 -21.92 -0.40
C MET A 151 23.91 -21.84 -1.34
N THR A 152 24.06 -22.34 -2.56
CA THR A 152 23.09 -22.26 -3.68
C THR A 152 21.86 -23.10 -3.36
N SER A 153 20.70 -22.69 -3.87
CA SER A 153 19.42 -23.37 -3.60
C SER A 153 18.42 -22.85 -4.61
N THR A 154 17.48 -23.69 -4.97
CA THR A 154 16.51 -23.53 -6.06
C THR A 154 15.10 -23.53 -5.48
N TRP A 155 14.30 -22.54 -5.86
CA TRP A 155 12.91 -22.46 -5.41
C TRP A 155 12.20 -23.74 -5.78
N ASP A 156 11.41 -24.25 -4.83
CA ASP A 156 10.60 -25.48 -5.03
C ASP A 156 9.14 -25.06 -5.08
N SER A 157 8.48 -25.30 -6.20
CA SER A 157 7.13 -24.76 -6.49
C SER A 157 6.05 -25.66 -5.92
N SER A 158 6.38 -26.74 -5.23
CA SER A 158 5.35 -27.74 -4.78
C SER A 158 4.34 -27.07 -3.86
N GLU A 159 4.78 -26.22 -2.93
CA GLU A 159 3.85 -25.50 -2.04
C GLU A 159 2.93 -24.57 -2.83
N ALA A 160 3.46 -23.73 -3.73
CA ALA A 160 2.62 -22.81 -4.53
C ALA A 160 1.60 -23.66 -5.35
N GLU A 161 2.01 -24.80 -5.89
CA GLU A 161 1.13 -25.60 -6.77
C GLU A 161 0.04 -26.25 -5.95
N LYS A 162 0.32 -26.51 -4.67
CA LYS A 162 -0.76 -26.99 -3.79
C LYS A 162 -1.86 -25.92 -3.74
N LEU A 163 -1.50 -24.65 -3.55
CA LEU A 163 -2.49 -23.56 -3.52
C LEU A 163 -3.08 -23.30 -4.90
N PHE A 164 -2.30 -23.39 -5.99
CA PHE A 164 -2.84 -23.18 -7.35
C PHE A 164 -3.91 -24.26 -7.68
N LYS A 165 -3.66 -25.53 -7.34
CA LYS A 165 -4.61 -26.65 -7.61
C LYS A 165 -5.90 -26.40 -6.82
N TYR A 166 -5.77 -25.99 -5.56
CA TYR A 166 -6.94 -25.62 -4.71
C TYR A 166 -7.74 -24.49 -5.35
N CYS A 167 -7.07 -23.43 -5.88
CA CYS A 167 -7.75 -22.27 -6.52
C CYS A 167 -8.53 -22.80 -7.73
N VAL A 168 -7.92 -23.67 -8.52
CA VAL A 168 -8.55 -24.15 -9.78
C VAL A 168 -9.76 -25.01 -9.40
N SER A 169 -9.62 -25.89 -8.40
CA SER A 169 -10.73 -26.72 -7.86
C SER A 169 -11.96 -25.84 -7.46
N LYS A 170 -11.76 -24.60 -7.01
CA LYS A 170 -12.84 -23.78 -6.42
C LYS A 170 -13.31 -22.73 -7.40
N GLY A 171 -12.70 -22.66 -8.58
CA GLY A 171 -12.93 -21.59 -9.57
C GLY A 171 -12.47 -20.24 -9.08
N TYR A 172 -11.42 -20.19 -8.26
CA TYR A 172 -10.82 -18.90 -7.82
C TYR A 172 -9.86 -18.46 -8.90
N GLY A 173 -9.52 -17.16 -8.96
CA GLY A 173 -8.43 -16.71 -9.85
C GLY A 173 -8.68 -15.39 -10.50
N ASP A 174 -9.95 -15.01 -10.69
CA ASP A 174 -10.26 -13.83 -11.53
C ASP A 174 -9.81 -12.55 -10.83
N ASN A 175 -9.66 -12.55 -9.50
CA ASN A 175 -9.25 -11.34 -8.77
C ASN A 175 -7.93 -11.55 -7.99
N ILE A 176 -7.14 -12.56 -8.37
CA ILE A 176 -5.89 -12.91 -7.63
C ILE A 176 -4.66 -12.48 -8.43
N ASP A 177 -3.80 -11.72 -7.76
CA ASP A 177 -2.45 -11.32 -8.24
C ASP A 177 -1.41 -12.03 -7.35
N TRP A 178 -0.20 -12.22 -7.85
CA TRP A 178 0.84 -12.99 -7.13
C TRP A 178 2.09 -12.14 -6.96
N GLU A 179 2.74 -12.37 -5.83
CA GLU A 179 4.13 -11.93 -5.60
C GLU A 179 4.82 -13.09 -4.92
N LEU A 180 6.13 -12.98 -4.77
CA LEU A 180 6.97 -14.08 -4.25
C LEU A 180 8.08 -13.52 -3.32
N GLY A 181 8.04 -13.97 -2.06
CA GLY A 181 9.01 -13.56 -1.05
C GLY A 181 8.80 -12.10 -0.69
N ASN A 182 9.75 -11.56 0.05
CA ASN A 182 9.59 -10.30 0.76
C ASN A 182 10.93 -9.87 1.31
N GLU A 183 11.36 -8.65 0.98
CA GLU A 183 12.59 -8.05 1.52
C GLU A 183 13.70 -9.10 1.64
N PRO A 184 14.03 -9.83 0.56
CA PRO A 184 15.07 -10.85 0.61
C PRO A 184 16.44 -10.28 1.02
N ASP A 185 16.65 -8.98 0.77
CA ASP A 185 17.92 -8.29 1.15
C ASP A 185 18.04 -8.25 2.68
N HIS A 186 16.93 -8.30 3.41
CA HIS A 186 16.91 -8.00 4.86
C HIS A 186 16.80 -9.29 5.68
N THR A 187 15.90 -10.18 5.27
CA THR A 187 15.56 -11.42 6.00
C THR A 187 15.47 -12.59 5.05
N SER A 188 16.32 -13.61 5.24
CA SER A 188 16.35 -14.78 4.35
C SER A 188 17.02 -15.97 5.03
N ALA A 189 16.37 -17.13 5.09
CA ALA A 189 17.02 -18.35 5.63
C ALA A 189 18.16 -18.78 4.71
N HIS A 190 17.97 -18.72 3.39
CA HIS A 190 18.88 -19.24 2.37
C HIS A 190 19.77 -18.15 1.78
N ASN A 191 19.80 -16.97 2.43
CA ASN A 191 20.67 -15.84 1.98
C ASN A 191 20.47 -15.57 0.51
N LEU A 192 19.21 -15.36 0.05
CA LEU A 192 18.92 -15.24 -1.40
C LEU A 192 19.72 -14.06 -1.96
N THR A 193 20.31 -14.29 -3.12
CA THR A 193 20.99 -13.25 -3.91
C THR A 193 20.01 -12.61 -4.87
N GLU A 194 20.41 -11.47 -5.47
CA GLU A 194 19.64 -10.81 -6.54
C GLU A 194 19.43 -11.80 -7.70
N LYS A 195 20.45 -12.60 -8.02
CA LYS A 195 20.37 -13.56 -9.15
C LYS A 195 19.36 -14.66 -8.84
N GLN A 196 19.36 -15.16 -7.62
CA GLN A 196 18.39 -16.19 -7.19
C GLN A 196 16.97 -15.63 -7.26
N VAL A 197 16.75 -14.41 -6.80
CA VAL A 197 15.36 -13.88 -6.86
C VAL A 197 14.87 -13.77 -8.32
N GLY A 198 15.74 -13.33 -9.24
CA GLY A 198 15.41 -13.33 -10.67
C GLY A 198 15.03 -14.72 -11.13
N GLU A 199 15.83 -15.71 -10.79
CA GLU A 199 15.55 -17.12 -11.20
C GLU A 199 14.24 -17.63 -10.59
N ASP A 200 13.95 -17.26 -9.37
CA ASP A 200 12.70 -17.63 -8.67
C ASP A 200 11.49 -17.10 -9.43
N PHE A 201 11.49 -15.85 -9.83
CA PHE A 201 10.35 -15.25 -10.53
C PHE A 201 10.22 -15.91 -11.90
N LYS A 202 11.34 -16.16 -12.58
CA LYS A 202 11.28 -16.87 -13.89
C LYS A 202 10.58 -18.22 -13.68
N ALA A 203 10.97 -18.94 -12.65
CA ALA A 203 10.41 -20.28 -12.34
C ALA A 203 8.93 -20.13 -11.98
N LEU A 204 8.53 -19.15 -11.17
CA LEU A 204 7.11 -18.99 -10.83
C LEU A 204 6.31 -18.69 -12.11
N HIS A 205 6.82 -17.85 -12.97
CA HIS A 205 6.10 -17.51 -14.22
C HIS A 205 5.89 -18.81 -15.03
N LYS A 206 6.88 -19.68 -15.11
CA LYS A 206 6.76 -20.98 -15.84
C LYS A 206 5.68 -21.87 -15.21
N VAL A 207 5.58 -21.89 -13.89
CA VAL A 207 4.54 -22.67 -13.17
C VAL A 207 3.18 -22.07 -13.51
N LEU A 208 3.06 -20.75 -13.39
CA LEU A 208 1.74 -20.09 -13.61
C LEU A 208 1.26 -20.32 -15.05
N GLU A 209 2.15 -20.54 -16.00
CA GLU A 209 1.79 -20.86 -17.41
C GLU A 209 0.95 -22.15 -17.44
N LYS A 210 1.10 -23.01 -16.45
CA LYS A 210 0.35 -24.29 -16.33
C LYS A 210 -1.02 -24.07 -15.70
N TYR A 211 -1.30 -22.88 -15.15
CA TYR A 211 -2.60 -22.54 -14.49
C TYR A 211 -3.12 -21.25 -15.13
N PRO A 212 -3.53 -21.34 -16.41
CA PRO A 212 -3.98 -20.16 -17.16
C PRO A 212 -5.06 -19.32 -16.45
N THR A 213 -6.00 -19.92 -15.70
CA THR A 213 -7.05 -19.16 -14.94
C THR A 213 -6.44 -18.33 -13.80
N LEU A 214 -5.21 -18.65 -13.40
CA LEU A 214 -4.51 -17.95 -12.29
C LEU A 214 -3.43 -17.00 -12.82
N ASN A 215 -3.22 -16.95 -14.13
CA ASN A 215 -2.10 -16.20 -14.75
C ASN A 215 -2.58 -14.98 -15.56
N LYS A 216 -3.78 -14.48 -15.37
CA LYS A 216 -4.32 -13.36 -16.19
C LYS A 216 -4.07 -12.02 -15.50
N GLY A 217 -3.79 -12.03 -14.19
CA GLY A 217 -3.59 -10.77 -13.45
C GLY A 217 -2.12 -10.38 -13.44
N SER A 218 -1.66 -9.83 -12.32
CA SER A 218 -0.32 -9.23 -12.16
C SER A 218 0.60 -10.17 -11.38
N LEU A 219 1.84 -10.28 -11.84
CA LEU A 219 2.96 -10.90 -11.12
C LEU A 219 3.96 -9.79 -10.79
N VAL A 220 4.10 -9.50 -9.51
CA VAL A 220 4.87 -8.33 -9.03
C VAL A 220 5.93 -8.79 -7.99
N GLY A 221 7.01 -8.02 -7.88
CA GLY A 221 8.07 -8.29 -6.93
C GLY A 221 9.13 -7.21 -7.07
N PRO A 222 10.23 -7.23 -6.30
CA PRO A 222 10.51 -8.27 -5.30
C PRO A 222 10.27 -7.82 -3.85
N ASP A 223 9.53 -6.74 -3.68
CA ASP A 223 9.06 -6.25 -2.36
C ASP A 223 10.27 -5.86 -1.52
N VAL A 224 11.04 -4.86 -1.97
CA VAL A 224 12.26 -4.37 -1.27
C VAL A 224 12.15 -2.86 -1.09
N GLY A 225 12.85 -2.38 -0.09
CA GLY A 225 13.03 -0.94 0.15
C GLY A 225 14.41 -0.51 -0.37
N TRP A 226 14.78 0.70 -0.02
CA TRP A 226 15.94 1.37 -0.68
C TRP A 226 17.24 0.57 -0.46
N MET A 227 17.42 -0.13 0.64
CA MET A 227 18.69 -0.90 0.87
C MET A 227 18.69 -2.17 -0.02
N GLY A 228 17.56 -2.53 -0.65
CA GLY A 228 17.49 -3.75 -1.47
C GLY A 228 17.28 -3.47 -2.95
N VAL A 229 17.49 -2.23 -3.43
CA VAL A 229 17.17 -1.90 -4.85
C VAL A 229 17.98 -2.72 -5.84
N SER A 230 19.13 -3.26 -5.45
CA SER A 230 19.90 -4.20 -6.30
C SER A 230 19.00 -5.37 -6.74
N TYR A 231 18.07 -5.79 -5.89
CA TYR A 231 17.12 -6.90 -6.19
C TYR A 231 16.10 -6.49 -7.24
N VAL A 232 15.79 -5.21 -7.37
CA VAL A 232 14.94 -4.75 -8.49
C VAL A 232 15.67 -4.97 -9.81
N LYS A 233 16.93 -4.54 -9.90
CA LYS A 233 17.78 -4.79 -11.08
C LYS A 233 17.92 -6.30 -11.30
N GLY A 234 18.16 -7.09 -10.25
CA GLY A 234 18.29 -8.56 -10.37
C GLY A 234 17.02 -9.16 -10.93
N LEU A 235 15.87 -8.63 -10.52
CA LEU A 235 14.57 -9.17 -10.99
C LEU A 235 14.32 -8.77 -12.45
N ALA A 236 14.60 -7.51 -12.79
CA ALA A 236 14.54 -7.00 -14.17
C ALA A 236 15.42 -7.90 -15.06
N ASP A 237 16.67 -8.15 -14.67
CA ASP A 237 17.62 -8.92 -15.52
C ASP A 237 17.12 -10.35 -15.65
N GLY A 238 16.64 -10.95 -14.56
CA GLY A 238 16.32 -12.37 -14.52
C GLY A 238 14.97 -12.72 -15.05
N ALA A 239 13.96 -11.87 -14.89
CA ALA A 239 12.56 -12.23 -15.19
C ALA A 239 11.74 -11.02 -15.58
N GLY A 240 12.41 -9.94 -16.05
CA GLY A 240 11.73 -8.64 -16.23
C GLY A 240 10.61 -8.71 -17.24
N ASP A 241 10.68 -9.63 -18.23
CA ASP A 241 9.69 -9.75 -19.33
C ASP A 241 8.43 -10.43 -18.83
N HIS A 242 8.45 -10.94 -17.60
CA HIS A 242 7.31 -11.68 -17.00
C HIS A 242 6.79 -11.01 -15.73
N VAL A 243 7.35 -9.85 -15.38
CA VAL A 243 6.93 -9.09 -14.18
C VAL A 243 6.08 -7.91 -14.64
N THR A 244 4.88 -7.80 -14.09
CA THR A 244 3.94 -6.69 -14.38
C THR A 244 4.44 -5.38 -13.78
N ALA A 245 4.94 -5.44 -12.54
CA ALA A 245 5.27 -4.20 -11.81
C ALA A 245 6.30 -4.54 -10.74
N PHE A 246 7.14 -3.57 -10.38
CA PHE A 246 8.10 -3.73 -9.27
C PHE A 246 7.47 -3.15 -8.01
N THR A 247 7.40 -3.98 -6.97
CA THR A 247 6.92 -3.62 -5.63
C THR A 247 8.08 -3.10 -4.80
N LEU A 248 7.86 -1.92 -4.26
CA LEU A 248 8.83 -1.21 -3.42
C LEU A 248 8.23 -1.09 -2.03
N HIS A 249 9.09 -1.00 -1.03
CA HIS A 249 8.67 -0.84 0.38
C HIS A 249 9.24 0.49 0.82
N GLN A 250 8.55 1.20 1.73
CA GLN A 250 9.08 2.49 2.16
C GLN A 250 8.47 2.83 3.51
N TYR A 251 9.34 3.37 4.36
CA TYR A 251 9.00 3.92 5.69
C TYR A 251 9.90 5.13 5.90
N TYR A 252 9.36 6.21 6.45
CA TYR A 252 10.12 7.47 6.63
C TYR A 252 11.07 7.36 7.83
N PHE A 253 10.68 6.64 8.87
CA PHE A 253 11.47 6.58 10.12
C PHE A 253 11.12 5.34 10.93
N ASP A 254 11.87 5.12 12.03
CA ASP A 254 11.54 4.11 13.03
C ASP A 254 10.37 4.66 13.86
N GLY A 255 9.22 4.01 13.79
CA GLY A 255 8.05 4.41 14.56
C GLY A 255 8.31 4.35 16.06
N ASN A 256 9.15 3.40 16.48
CA ASN A 256 9.28 3.03 17.91
C ASN A 256 10.00 4.16 18.66
N THR A 257 10.80 4.97 17.98
CA THR A 257 11.59 6.07 18.60
C THR A 257 11.01 7.42 18.24
N SER A 258 9.79 7.45 17.69
CA SER A 258 9.16 8.68 17.17
C SER A 258 8.09 9.16 18.14
N ASP A 259 7.66 10.40 17.93
CA ASP A 259 6.51 11.02 18.64
C ASP A 259 5.74 11.93 17.69
N VAL A 260 4.70 12.55 18.23
CA VAL A 260 3.79 13.46 17.47
C VAL A 260 4.60 14.43 16.61
N SER A 261 5.74 14.93 17.09
CA SER A 261 6.54 15.91 16.30
C SER A 261 7.10 15.23 15.04
N THR A 262 7.46 13.94 15.10
CA THR A 262 8.09 13.27 13.94
C THR A 262 7.11 13.31 12.76
N TYR A 263 5.83 13.11 13.04
CA TYR A 263 4.72 12.95 12.05
C TYR A 263 4.33 14.27 11.40
N LEU A 264 4.83 15.39 11.93
CA LEU A 264 4.65 16.78 11.45
C LEU A 264 5.91 17.27 10.77
N ASP A 265 6.98 16.49 10.73
CA ASP A 265 8.31 16.99 10.31
C ASP A 265 8.48 16.87 8.78
N ALA A 266 8.48 18.00 8.07
CA ALA A 266 8.46 18.08 6.59
C ALA A 266 9.81 17.68 5.99
N THR A 267 10.88 17.56 6.77
CA THR A 267 12.20 17.11 6.26
C THR A 267 12.10 15.62 5.81
N TYR A 268 11.11 14.88 6.30
CA TYR A 268 10.91 13.47 5.94
C TYR A 268 10.35 13.32 4.52
N PHE A 269 9.63 14.32 4.01
CA PHE A 269 8.85 14.21 2.74
C PHE A 269 9.74 13.67 1.64
N LYS A 270 10.96 14.20 1.55
CA LYS A 270 11.91 13.97 0.44
C LYS A 270 12.45 12.54 0.48
N LYS A 271 12.30 11.81 1.59
CA LYS A 271 12.84 10.43 1.70
C LYS A 271 12.16 9.61 0.60
N LEU A 272 10.85 9.86 0.38
CA LEU A 272 10.05 9.05 -0.58
C LEU A 272 10.57 9.33 -1.98
N GLN A 273 10.84 10.61 -2.31
CA GLN A 273 11.34 10.98 -3.66
C GLN A 273 12.67 10.26 -3.90
N GLN A 274 13.50 10.19 -2.86
CA GLN A 274 14.87 9.63 -3.02
C GLN A 274 14.76 8.14 -3.32
N LEU A 275 13.78 7.45 -2.73
CA LEU A 275 13.55 6.01 -3.07
C LEU A 275 13.27 5.87 -4.57
N PHE A 276 12.36 6.67 -5.11
CA PHE A 276 11.98 6.61 -6.54
C PHE A 276 13.22 6.90 -7.41
N ASP A 277 14.03 7.88 -7.02
CA ASP A 277 15.26 8.25 -7.75
C ASP A 277 16.22 7.08 -7.72
N LYS A 278 16.37 6.40 -6.58
CA LYS A 278 17.33 5.27 -6.46
C LYS A 278 16.88 4.12 -7.39
N VAL A 279 15.58 3.84 -7.47
CA VAL A 279 15.07 2.74 -8.33
C VAL A 279 15.33 3.12 -9.79
N LYS A 280 14.99 4.34 -10.20
CA LYS A 280 15.25 4.83 -11.59
C LYS A 280 16.72 4.67 -11.88
N ASP A 281 17.60 5.07 -10.97
CA ASP A 281 19.06 4.90 -11.16
C ASP A 281 19.45 3.43 -11.31
N VAL A 282 18.94 2.52 -10.46
CA VAL A 282 19.46 1.12 -10.52
C VAL A 282 18.99 0.53 -11.85
N LEU A 283 17.89 1.03 -12.40
CA LEU A 283 17.31 0.48 -13.65
C LEU A 283 17.77 1.24 -14.88
N LYS A 284 18.72 2.18 -14.75
CA LYS A 284 19.00 3.15 -15.85
C LYS A 284 19.51 2.43 -17.10
N ASN A 285 20.20 1.30 -16.96
CA ASN A 285 20.73 0.51 -18.07
C ASN A 285 19.86 -0.73 -18.31
N SER A 286 18.55 -0.66 -18.03
CA SER A 286 17.64 -1.81 -18.20
C SER A 286 16.52 -1.48 -19.18
N PRO A 287 16.13 -2.43 -20.03
CA PRO A 287 14.90 -2.30 -20.80
C PRO A 287 13.68 -2.01 -19.91
N HIS A 288 13.76 -2.34 -18.61
CA HIS A 288 12.65 -2.27 -17.64
C HIS A 288 12.69 -0.95 -16.88
N LYS A 289 13.47 0.03 -17.34
CA LYS A 289 13.58 1.34 -16.65
C LYS A 289 12.19 1.97 -16.49
N ASP A 290 11.26 1.73 -17.42
CA ASP A 290 9.93 2.35 -17.37
C ASP A 290 8.89 1.32 -16.90
N LYS A 291 9.30 0.22 -16.27
CA LYS A 291 8.29 -0.69 -15.65
C LYS A 291 7.51 0.03 -14.55
N PRO A 292 6.17 -0.17 -14.51
CA PRO A 292 5.35 0.40 -13.44
C PRO A 292 5.97 0.06 -12.07
N LEU A 293 5.96 1.02 -11.14
CA LEU A 293 6.39 0.86 -9.74
C LEU A 293 5.13 0.91 -8.88
N TRP A 294 5.06 0.01 -7.91
CA TRP A 294 4.02 0.01 -6.86
C TRP A 294 4.73 0.25 -5.55
N LEU A 295 4.11 0.94 -4.62
CA LEU A 295 4.45 0.74 -3.19
C LEU A 295 3.69 -0.46 -2.69
N GLY A 296 4.37 -1.60 -2.58
CA GLY A 296 3.69 -2.85 -2.24
C GLY A 296 3.48 -3.02 -0.76
N GLU A 297 4.15 -2.19 0.04
CA GLU A 297 4.03 -2.23 1.52
C GLU A 297 4.62 -0.94 2.07
N THR A 298 3.81 -0.06 2.62
CA THR A 298 4.33 1.28 3.00
C THR A 298 3.59 1.80 4.22
N SER A 299 4.32 2.54 5.04
CA SER A 299 3.74 3.27 6.18
C SER A 299 4.73 4.34 6.61
N SER A 300 4.41 5.11 7.65
CA SER A 300 5.33 6.20 8.03
C SER A 300 6.45 5.62 8.92
N GLY A 301 6.09 4.88 9.95
CA GLY A 301 7.04 4.30 10.91
C GLY A 301 7.16 2.79 10.78
N TYR A 302 8.38 2.29 10.62
CA TYR A 302 8.64 0.82 10.71
C TYR A 302 8.65 0.43 12.19
N ASN A 303 8.81 -0.86 12.49
CA ASN A 303 8.66 -1.42 13.87
C ASN A 303 7.23 -1.18 14.35
N SER A 304 6.23 -1.42 13.47
CA SER A 304 4.78 -1.42 13.79
C SER A 304 4.25 0.00 14.05
N GLY A 305 4.98 1.05 13.67
CA GLY A 305 4.49 2.43 13.78
C GLY A 305 4.76 3.01 15.17
N THR A 306 3.91 3.93 15.63
CA THR A 306 4.12 4.70 16.90
C THR A 306 2.88 4.62 17.78
N LYS A 307 2.94 3.86 18.88
CA LYS A 307 1.81 3.63 19.82
C LYS A 307 1.07 4.94 20.10
N ASP A 308 -0.25 4.92 19.93
CA ASP A 308 -1.18 6.05 20.25
C ASP A 308 -0.81 7.31 19.48
N VAL A 309 -0.14 7.17 18.33
CA VAL A 309 0.15 8.32 17.45
C VAL A 309 -0.24 8.00 15.98
N SER A 310 0.16 6.84 15.47
CA SER A 310 0.11 6.54 14.01
C SER A 310 -1.27 5.96 13.69
N ASP A 311 -2.15 5.88 14.68
CA ASP A 311 -3.57 5.48 14.54
C ASP A 311 -4.45 6.69 14.86
N ARG A 312 -3.86 7.88 14.83
CA ARG A 312 -4.52 9.14 15.25
C ARG A 312 -4.54 10.10 14.06
N TYR A 313 -5.22 11.23 14.20
CA TYR A 313 -5.35 12.25 13.12
C TYR A 313 -4.00 12.61 12.51
N VAL A 314 -2.97 12.82 13.33
CA VAL A 314 -1.67 13.39 12.90
C VAL A 314 -0.95 12.48 11.88
N SER A 315 -1.29 11.21 11.82
CA SER A 315 -0.76 10.22 10.81
C SER A 315 -1.07 10.72 9.39
N GLY A 316 -2.11 11.54 9.27
CA GLY A 316 -2.70 11.96 7.98
C GLY A 316 -1.75 12.75 7.13
N PHE A 317 -0.85 13.54 7.71
CA PHE A 317 0.04 14.45 6.93
C PHE A 317 0.98 13.67 6.01
N LEU A 318 1.79 12.79 6.59
CA LEU A 318 2.69 11.93 5.77
C LEU A 318 1.85 11.03 4.88
N THR A 319 0.74 10.50 5.37
CA THR A 319 -0.16 9.63 4.56
C THR A 319 -0.52 10.37 3.29
N LEU A 320 -1.00 11.62 3.41
CA LEU A 320 -1.48 12.38 2.21
C LEU A 320 -0.30 12.76 1.32
N ASP A 321 0.84 13.11 1.89
CA ASP A 321 2.00 13.52 1.06
C ASP A 321 2.43 12.33 0.21
N LYS A 322 2.46 11.15 0.82
CA LYS A 322 2.85 9.90 0.13
C LYS A 322 1.89 9.66 -1.05
N LEU A 323 0.60 9.81 -0.81
CA LEU A 323 -0.43 9.56 -1.88
C LEU A 323 -0.23 10.51 -3.07
N GLY A 324 0.05 11.78 -2.81
CA GLY A 324 0.28 12.78 -3.89
C GLY A 324 1.62 12.65 -4.57
N LEU A 325 2.69 12.42 -3.80
CA LEU A 325 4.04 12.31 -4.37
C LEU A 325 4.17 10.98 -5.12
N SER A 326 3.53 9.91 -4.65
CA SER A 326 3.61 8.64 -5.42
C SER A 326 2.98 8.87 -6.80
N ALA A 327 1.78 9.44 -6.80
CA ALA A 327 0.97 9.64 -8.01
C ALA A 327 1.75 10.57 -8.94
N ALA A 328 2.41 11.57 -8.39
CA ALA A 328 3.21 12.51 -9.20
C ALA A 328 4.40 11.79 -9.84
N ASN A 329 4.90 10.72 -9.22
CA ASN A 329 6.04 9.95 -9.76
C ASN A 329 5.52 8.78 -10.61
N ASN A 330 4.23 8.73 -10.89
CA ASN A 330 3.63 7.70 -11.76
C ASN A 330 3.80 6.32 -11.09
N VAL A 331 3.79 6.34 -9.76
CA VAL A 331 3.70 5.08 -8.98
C VAL A 331 2.24 4.70 -8.98
N LYS A 332 1.93 3.50 -9.48
CA LYS A 332 0.57 3.12 -9.94
C LYS A 332 -0.34 2.73 -8.77
N VAL A 333 0.23 2.19 -7.70
CA VAL A 333 -0.54 1.55 -6.59
C VAL A 333 0.22 1.89 -5.29
N VAL A 334 -0.53 2.22 -4.23
CA VAL A 334 -0.01 2.51 -2.87
C VAL A 334 -0.73 1.60 -1.89
N ILE A 335 0.01 0.59 -1.38
CA ILE A 335 -0.55 -0.42 -0.46
C ILE A 335 -0.15 -0.08 0.99
N ARG A 336 -1.14 0.27 1.76
CA ARG A 336 -0.88 0.76 3.12
C ARG A 336 -0.79 -0.38 4.13
N GLN A 337 0.34 -0.42 4.83
CA GLN A 337 0.61 -1.32 5.95
C GLN A 337 -0.01 -0.58 7.16
N THR A 338 -1.12 -1.02 7.72
CA THR A 338 -1.90 -2.25 7.54
C THR A 338 -3.40 -1.93 7.59
N ILE A 339 -4.21 -2.90 7.19
CA ILE A 339 -5.68 -2.70 7.33
C ILE A 339 -5.95 -2.64 8.84
N TYR A 340 -5.26 -3.50 9.58
CA TYR A 340 -5.32 -3.54 11.06
C TYR A 340 -4.11 -4.32 11.57
N ASN A 341 -3.84 -4.14 12.86
CA ASN A 341 -2.71 -4.72 13.63
C ASN A 341 -1.51 -3.78 13.54
N GLY A 342 -0.75 -3.71 14.62
CA GLY A 342 0.31 -2.71 14.70
C GLY A 342 -0.24 -1.37 15.18
N TYR A 343 0.59 -0.35 15.28
CA TYR A 343 0.07 0.96 15.74
C TYR A 343 -0.36 1.80 14.51
N TYR A 344 -0.16 1.25 13.31
CA TYR A 344 -0.40 2.00 12.05
C TYR A 344 -1.60 1.39 11.31
N GLY A 345 -2.41 0.60 12.00
CA GLY A 345 -3.65 0.02 11.47
C GLY A 345 -4.60 1.11 10.97
N LEU A 346 -5.28 0.84 9.87
CA LEU A 346 -6.37 1.72 9.36
C LEU A 346 -7.60 1.57 10.23
N LEU A 347 -7.89 0.35 10.65
CA LEU A 347 -9.00 0.03 11.57
C LEU A 347 -8.43 -0.44 12.91
N ASP A 348 -9.21 -0.29 13.98
CA ASP A 348 -9.04 -1.03 15.25
C ASP A 348 -9.13 -2.53 14.97
N LYS A 349 -8.13 -3.30 15.40
CA LYS A 349 -8.07 -4.73 15.07
C LYS A 349 -9.22 -5.51 15.71
N ASN A 350 -9.74 -5.02 16.82
CA ASN A 350 -10.85 -5.72 17.53
C ASN A 350 -12.22 -5.20 17.06
N THR A 351 -12.45 -3.89 16.99
CA THR A 351 -13.81 -3.36 16.68
C THR A 351 -13.98 -3.08 15.18
N LEU A 352 -12.91 -3.05 14.39
CA LEU A 352 -12.90 -2.62 12.97
C LEU A 352 -13.31 -1.15 12.85
N GLU A 353 -13.43 -0.44 13.97
CA GLU A 353 -13.73 1.00 13.90
C GLU A 353 -12.59 1.71 13.19
N PRO A 354 -12.92 2.53 12.17
CA PRO A 354 -11.91 3.20 11.35
C PRO A 354 -11.17 4.31 12.10
N ASN A 355 -9.84 4.31 11.94
CA ASN A 355 -8.94 5.37 12.41
C ASN A 355 -8.99 6.48 11.38
N PRO A 356 -8.53 7.68 11.75
CA PRO A 356 -8.50 8.83 10.85
C PRO A 356 -7.85 8.62 9.48
N ASP A 357 -6.77 7.84 9.42
CA ASP A 357 -6.13 7.54 8.09
C ASP A 357 -7.12 6.77 7.20
N TYR A 358 -7.99 5.92 7.74
CA TYR A 358 -9.01 5.23 6.91
C TYR A 358 -9.87 6.26 6.17
N TRP A 359 -10.39 7.22 6.93
CA TRP A 359 -11.32 8.26 6.45
C TRP A 359 -10.59 9.10 5.41
N LEU A 360 -9.33 9.44 5.66
CA LEU A 360 -8.49 10.20 4.71
C LEU A 360 -8.35 9.42 3.40
N MET A 361 -8.08 8.10 3.47
CA MET A 361 -7.93 7.30 2.23
C MET A 361 -9.29 7.20 1.49
N HIS A 362 -10.39 7.03 2.22
CA HIS A 362 -11.75 6.92 1.66
C HIS A 362 -12.12 8.19 0.91
N VAL A 363 -11.76 9.34 1.47
CA VAL A 363 -12.10 10.68 0.88
C VAL A 363 -11.24 10.84 -0.36
N HIS A 364 -9.93 10.57 -0.26
CA HIS A 364 -9.01 10.56 -1.42
C HIS A 364 -9.58 9.64 -2.49
N ASN A 365 -10.01 8.43 -2.12
CA ASN A 365 -10.52 7.42 -3.09
C ASN A 365 -11.82 7.94 -3.75
N SER A 366 -12.63 8.67 -2.98
CA SER A 366 -13.90 9.27 -3.46
C SER A 366 -13.67 10.39 -4.47
N LEU A 367 -12.67 11.24 -4.25
CA LEU A 367 -12.56 12.54 -4.97
C LEU A 367 -11.46 12.53 -6.02
N VAL A 368 -10.51 11.60 -5.95
CA VAL A 368 -9.21 11.75 -6.66
C VAL A 368 -9.12 10.66 -7.72
N GLY A 369 -9.11 11.08 -8.98
CA GLY A 369 -8.94 10.19 -10.14
C GLY A 369 -7.47 9.95 -10.48
N ASN A 370 -7.18 9.28 -11.60
CA ASN A 370 -5.85 8.64 -11.87
C ASN A 370 -5.01 9.50 -12.82
N THR A 371 -5.56 10.59 -13.37
CA THR A 371 -4.80 11.49 -14.27
C THR A 371 -4.14 12.59 -13.43
N VAL A 372 -2.83 12.77 -13.54
CA VAL A 372 -2.01 13.59 -12.60
C VAL A 372 -1.32 14.73 -13.33
N PHE A 373 -1.29 15.92 -12.69
CA PHE A 373 -0.67 17.15 -13.19
C PHE A 373 0.42 17.57 -12.21
N LYS A 374 1.42 18.27 -12.72
CA LYS A 374 2.54 18.84 -11.93
C LYS A 374 2.08 20.15 -11.29
N VAL A 375 2.36 20.29 -10.00
CA VAL A 375 2.03 21.51 -9.21
C VAL A 375 3.36 22.14 -8.82
N ASP A 376 3.60 23.39 -9.24
CA ASP A 376 4.73 24.22 -8.74
C ASP A 376 4.21 25.07 -7.58
N VAL A 377 4.75 24.85 -6.37
CA VAL A 377 4.33 25.53 -5.12
C VAL A 377 5.55 26.30 -4.56
N SER A 378 5.37 27.59 -4.25
CA SER A 378 6.45 28.49 -3.76
C SER A 378 6.52 28.43 -2.23
N ASP A 379 7.29 27.49 -1.71
CA ASP A 379 7.50 27.29 -0.25
C ASP A 379 8.76 26.45 -0.07
N PRO A 380 9.95 27.09 -0.06
CA PRO A 380 11.21 26.37 0.14
C PRO A 380 11.24 25.55 1.44
N THR A 381 10.37 25.86 2.41
CA THR A 381 10.25 25.14 3.71
C THR A 381 9.49 23.81 3.55
N ASN A 382 8.61 23.66 2.56
CA ASN A 382 7.91 22.38 2.22
C ASN A 382 6.88 22.03 3.31
N LYS A 383 6.46 22.99 4.14
CA LYS A 383 5.52 22.80 5.26
C LYS A 383 4.10 22.72 4.68
N ALA A 384 3.93 23.27 3.48
CA ALA A 384 2.69 23.25 2.67
C ALA A 384 2.95 22.43 1.41
N ARG A 385 2.10 21.43 1.17
CA ARG A 385 2.28 20.50 0.03
C ARG A 385 0.97 20.47 -0.75
N VAL A 386 1.05 20.65 -2.06
CA VAL A 386 -0.13 20.69 -2.97
C VAL A 386 0.00 19.68 -4.12
N TYR A 387 -1.11 19.00 -4.41
CA TYR A 387 -1.25 18.03 -5.52
C TYR A 387 -2.56 18.31 -6.26
N ALA A 388 -2.60 17.93 -7.53
CA ALA A 388 -3.73 18.14 -8.45
C ALA A 388 -3.87 16.95 -9.38
N GLN A 389 -5.03 16.35 -9.32
CA GLN A 389 -5.41 15.29 -10.25
C GLN A 389 -6.86 15.54 -10.65
N CYS A 390 -7.25 14.83 -11.67
CA CYS A 390 -8.63 14.93 -12.19
C CYS A 390 -9.62 14.45 -11.15
N THR A 391 -10.70 15.12 -10.94
CA THR A 391 -11.75 14.59 -10.06
C THR A 391 -12.16 13.23 -10.61
N LYS A 392 -12.23 12.25 -9.71
CA LYS A 392 -12.93 10.99 -9.98
C LYS A 392 -14.41 11.32 -10.12
N THR A 393 -15.04 10.85 -11.20
CA THR A 393 -16.43 11.23 -11.58
C THR A 393 -17.40 10.08 -11.31
N ASN A 394 -16.93 8.86 -10.95
CA ASN A 394 -17.80 7.66 -10.79
C ASN A 394 -17.75 7.08 -9.37
N SER A 395 -17.39 7.83 -8.32
CA SER A 395 -17.44 7.32 -6.92
C SER A 395 -18.89 7.46 -6.47
N LYS A 396 -19.37 6.56 -5.59
CA LYS A 396 -20.74 6.63 -5.01
C LYS A 396 -21.04 8.08 -4.62
N HIS A 397 -20.03 8.83 -4.14
CA HIS A 397 -20.16 10.28 -3.86
C HIS A 397 -20.28 11.08 -5.16
N THR A 398 -19.32 11.00 -6.07
CA THR A 398 -19.15 12.01 -7.15
C THR A 398 -20.03 11.68 -8.37
N GLN A 399 -20.56 10.47 -8.47
CA GLN A 399 -21.45 10.02 -9.58
C GLN A 399 -22.59 11.04 -9.72
N SER A 400 -22.71 11.69 -10.88
CA SER A 400 -23.82 12.63 -11.22
C SER A 400 -23.73 13.88 -10.33
N ARG A 401 -22.51 14.27 -9.93
CA ARG A 401 -22.29 15.43 -9.02
C ARG A 401 -21.17 16.31 -9.59
N TYR A 402 -20.05 15.68 -9.95
CA TYR A 402 -18.97 16.34 -10.70
C TYR A 402 -18.81 15.54 -12.00
N TYR A 403 -18.40 16.24 -13.06
CA TYR A 403 -18.33 15.69 -14.44
C TYR A 403 -16.90 15.88 -14.94
N LYS A 404 -16.55 15.10 -15.95
CA LYS A 404 -15.19 15.12 -16.55
C LYS A 404 -14.80 16.57 -16.82
N GLY A 405 -13.57 16.93 -16.46
CA GLY A 405 -13.01 18.29 -16.53
C GLY A 405 -12.84 18.91 -15.15
N SER A 406 -13.63 18.46 -14.16
CA SER A 406 -13.42 18.87 -12.76
C SER A 406 -12.00 18.49 -12.33
N LEU A 407 -11.37 19.34 -11.52
CA LEU A 407 -10.01 19.09 -10.99
C LEU A 407 -10.10 18.91 -9.47
N THR A 408 -9.45 17.85 -8.92
CA THR A 408 -9.30 17.75 -7.45
C THR A 408 -7.90 18.21 -7.05
N ILE A 409 -7.85 19.30 -6.30
CA ILE A 409 -6.61 19.79 -5.65
C ILE A 409 -6.65 19.31 -4.20
N PHE A 410 -5.54 18.79 -3.69
CA PHE A 410 -5.46 18.44 -2.25
C PHE A 410 -4.14 18.93 -1.69
N ALA A 411 -4.12 19.07 -0.38
CA ALA A 411 -3.02 19.79 0.28
C ALA A 411 -3.04 19.53 1.77
N LEU A 412 -1.88 19.77 2.34
CA LEU A 412 -1.64 19.68 3.80
C LEU A 412 -0.70 20.82 4.20
N ASN A 413 -0.77 21.17 5.47
CA ASN A 413 -0.09 22.35 6.03
C ASN A 413 0.34 21.88 7.40
N VAL A 414 1.64 21.66 7.57
CA VAL A 414 2.20 21.24 8.88
C VAL A 414 2.77 22.48 9.60
N GLY A 415 2.80 23.64 8.96
CA GLY A 415 3.17 24.92 9.62
C GLY A 415 2.22 25.25 10.75
N ASP A 416 2.51 26.28 11.53
CA ASP A 416 1.60 26.71 12.64
C ASP A 416 0.90 28.01 12.24
N GLU A 417 1.01 28.38 10.96
CA GLU A 417 0.27 29.51 10.33
C GLU A 417 -0.92 29.00 9.50
N ASP A 418 -1.92 29.86 9.28
CA ASP A 418 -2.92 29.72 8.18
C ASP A 418 -2.19 30.05 6.87
N VAL A 419 -2.43 29.26 5.81
CA VAL A 419 -1.84 29.47 4.45
C VAL A 419 -2.99 29.64 3.48
N THR A 420 -2.85 30.57 2.54
CA THR A 420 -3.77 30.70 1.39
C THR A 420 -2.99 30.30 0.15
N LEU A 421 -3.50 29.30 -0.58
CA LEU A 421 -2.87 28.89 -1.85
C LEU A 421 -3.39 29.84 -2.93
N LYS A 422 -2.52 30.75 -3.39
CA LYS A 422 -2.79 31.66 -4.54
C LYS A 422 -2.73 30.83 -5.82
N ILE A 423 -3.87 30.28 -6.26
CA ILE A 423 -4.01 29.50 -7.52
C ILE A 423 -4.74 30.40 -8.53
N ASP A 424 -4.06 31.47 -9.00
CA ASP A 424 -4.63 32.55 -9.85
C ASP A 424 -5.44 31.95 -11.00
N GLN A 425 -4.89 30.91 -11.64
CA GLN A 425 -5.38 30.36 -12.93
C GLN A 425 -6.80 29.80 -12.81
N TYR A 426 -7.33 29.66 -11.59
CA TYR A 426 -8.71 29.17 -11.35
C TYR A 426 -9.53 30.19 -10.53
N SER A 427 -9.01 31.42 -10.34
CA SER A 427 -9.71 32.55 -9.66
C SER A 427 -11.12 32.71 -10.25
N GLY A 428 -12.17 32.65 -9.41
CA GLY A 428 -13.57 32.79 -9.84
C GLY A 428 -14.24 31.48 -10.22
N LYS A 429 -13.50 30.35 -10.23
CA LYS A 429 -14.10 29.00 -10.38
C LYS A 429 -14.78 28.62 -9.06
N LYS A 430 -15.75 27.70 -9.14
CA LYS A 430 -16.58 27.17 -8.01
C LYS A 430 -15.79 26.09 -7.24
N ILE A 431 -15.55 26.28 -5.93
CA ILE A 431 -14.75 25.37 -5.05
C ILE A 431 -15.69 24.63 -4.08
N TYR A 432 -15.68 23.31 -4.13
CA TYR A 432 -16.28 22.43 -3.09
C TYR A 432 -15.17 21.92 -2.16
N SER A 433 -15.25 22.22 -0.87
CA SER A 433 -14.16 21.96 0.09
C SER A 433 -14.49 20.73 0.95
N TYR A 434 -13.46 19.92 1.24
CA TYR A 434 -13.60 18.68 2.03
C TYR A 434 -12.44 18.66 3.02
N ILE A 435 -12.63 19.32 4.17
CA ILE A 435 -11.53 19.70 5.09
C ILE A 435 -11.62 18.76 6.27
N LEU A 436 -10.49 18.10 6.59
CA LEU A 436 -10.41 17.07 7.65
C LEU A 436 -9.71 17.67 8.86
N THR A 437 -10.36 17.62 10.04
CA THR A 437 -9.78 18.16 11.30
C THR A 437 -10.05 17.20 12.43
N PRO A 438 -9.22 17.23 13.49
CA PRO A 438 -9.39 16.31 14.62
C PRO A 438 -10.48 16.76 15.60
N GLU A 439 -11.36 15.84 15.99
CA GLU A 439 -12.32 16.08 17.10
C GLU A 439 -11.58 16.57 18.34
N GLY A 440 -12.01 17.70 18.92
CA GLY A 440 -11.43 18.31 20.14
C GLY A 440 -10.11 19.03 19.85
N GLY A 441 -9.73 19.21 18.58
CA GLY A 441 -8.55 19.98 18.16
C GLY A 441 -7.23 19.26 18.46
N GLN A 442 -7.28 18.05 19.00
CA GLN A 442 -6.11 17.27 19.48
C GLN A 442 -5.51 16.51 18.29
N LEU A 443 -4.24 16.72 17.95
CA LEU A 443 -3.56 16.00 16.83
C LEU A 443 -3.59 14.49 17.08
N THR A 444 -3.69 14.07 18.34
CA THR A 444 -3.72 12.65 18.71
C THR A 444 -5.15 12.17 18.81
N SER A 445 -6.13 12.95 18.35
CA SER A 445 -7.54 12.49 18.29
C SER A 445 -7.61 11.30 17.37
N GLN A 446 -8.46 10.33 17.75
CA GLN A 446 -8.76 9.11 16.98
C GLN A 446 -10.07 9.32 16.20
N LYS A 447 -10.61 10.53 16.27
CA LYS A 447 -11.90 10.89 15.61
C LYS A 447 -11.59 12.00 14.61
N VAL A 448 -12.22 11.99 13.43
CA VAL A 448 -11.90 13.01 12.39
C VAL A 448 -13.20 13.66 11.91
N LEU A 449 -13.14 14.98 11.73
CA LEU A 449 -14.30 15.79 11.27
C LEU A 449 -14.04 16.13 9.81
N LEU A 450 -15.08 15.91 9.01
CA LEU A 450 -15.15 16.44 7.63
C LEU A 450 -16.03 17.71 7.66
N ASN A 451 -15.42 18.88 7.43
CA ASN A 451 -16.11 20.21 7.48
C ASN A 451 -16.95 20.22 8.76
N GLY A 452 -16.33 19.88 9.89
CA GLY A 452 -16.88 20.01 11.25
C GLY A 452 -17.83 18.88 11.61
N LYS A 453 -18.11 17.97 10.68
CA LYS A 453 -18.96 16.79 10.96
C LYS A 453 -18.05 15.55 11.14
N GLU A 454 -18.27 14.80 12.23
CA GLU A 454 -17.53 13.56 12.57
C GLU A 454 -17.84 12.51 11.51
N LEU A 455 -16.81 11.91 10.91
CA LEU A 455 -17.02 10.73 10.03
C LEU A 455 -17.19 9.47 10.89
N LYS A 456 -18.28 8.76 10.69
CA LYS A 456 -18.51 7.46 11.34
C LYS A 456 -19.50 6.63 10.52
N LEU A 457 -19.44 5.33 10.74
CA LEU A 457 -20.35 4.30 10.21
C LEU A 457 -21.76 4.47 10.79
N VAL A 458 -22.67 3.52 10.47
CA VAL A 458 -24.12 3.42 10.84
C VAL A 458 -24.68 2.06 10.37
N SER A 459 -25.04 1.15 11.28
CA SER A 459 -25.40 -0.26 10.94
C SER A 459 -24.48 -0.75 9.84
N ASP A 460 -23.17 -0.43 9.97
CA ASP A 460 -22.13 -0.78 8.97
C ASP A 460 -22.51 -0.16 7.61
N GLN A 461 -22.73 1.16 7.57
CA GLN A 461 -22.88 1.96 6.32
C GLN A 461 -21.88 3.11 6.35
N LEU A 462 -21.19 3.37 5.24
CA LEU A 462 -20.32 4.57 5.14
C LEU A 462 -21.20 5.83 5.16
N PRO A 463 -20.77 6.90 5.83
CA PRO A 463 -21.50 8.16 5.79
C PRO A 463 -21.33 8.90 4.46
N GLU A 464 -22.41 9.53 4.02
CA GLU A 464 -22.41 10.46 2.88
C GLU A 464 -21.37 11.51 3.16
N LEU A 465 -20.57 11.87 2.18
CA LEU A 465 -19.59 12.96 2.34
C LEU A 465 -20.32 14.28 2.17
N ASN A 466 -20.19 15.17 3.16
CA ASN A 466 -20.84 16.51 3.20
C ASN A 466 -19.83 17.52 2.65
N ALA A 467 -19.95 17.86 1.36
CA ALA A 467 -19.16 18.94 0.73
C ALA A 467 -19.52 20.27 1.38
N ASP A 468 -18.55 21.16 1.52
CA ASP A 468 -18.74 22.52 2.07
C ASP A 468 -18.63 23.51 0.91
N GLU A 469 -19.77 24.11 0.56
CA GLU A 469 -19.90 25.00 -0.63
C GLU A 469 -19.55 26.44 -0.26
N SER A 470 -19.06 26.68 0.95
CA SER A 470 -18.61 28.02 1.39
C SER A 470 -17.14 28.18 0.99
N LYS A 471 -16.93 28.32 -0.32
CA LYS A 471 -15.65 28.36 -1.07
C LYS A 471 -14.80 29.60 -0.78
N THR A 472 -14.53 30.34 -1.83
CA THR A 472 -13.86 31.65 -1.85
C THR A 472 -12.37 31.47 -2.02
N SER A 473 -11.72 30.77 -1.10
CA SER A 473 -10.27 30.62 -1.30
C SER A 473 -9.82 29.19 -0.97
N PHE A 474 -8.58 28.94 -1.33
CA PHE A 474 -7.87 27.66 -1.05
C PHE A 474 -7.00 27.93 0.18
N THR A 475 -7.56 27.66 1.34
CA THR A 475 -6.88 27.96 2.63
C THR A 475 -6.87 26.72 3.54
N LEU A 476 -5.80 26.59 4.30
CA LEU A 476 -5.69 25.53 5.33
C LEU A 476 -5.30 26.20 6.63
N SER A 477 -6.03 25.85 7.70
CA SER A 477 -5.64 26.14 9.11
C SER A 477 -4.38 25.35 9.42
N PRO A 478 -3.55 25.83 10.36
CA PRO A 478 -2.35 25.10 10.78
C PRO A 478 -2.65 23.63 11.12
N LYS A 479 -1.76 22.72 10.70
CA LYS A 479 -1.88 21.29 11.09
C LYS A 479 -3.24 20.79 10.64
N THR A 480 -3.60 21.07 9.38
CA THR A 480 -4.77 20.46 8.70
C THR A 480 -4.43 20.09 7.25
N PHE A 481 -5.33 19.32 6.68
CA PHE A 481 -5.28 18.85 5.28
C PHE A 481 -6.71 18.76 4.77
N GLY A 482 -6.85 18.82 3.46
CA GLY A 482 -8.16 18.69 2.83
C GLY A 482 -8.09 18.65 1.33
N PHE A 483 -9.23 18.46 0.72
CA PHE A 483 -9.40 18.38 -0.74
C PHE A 483 -10.33 19.49 -1.20
N PHE A 484 -10.01 20.08 -2.35
CA PHE A 484 -10.78 21.15 -3.01
C PHE A 484 -11.13 20.69 -4.42
N VAL A 485 -12.40 20.37 -4.66
CA VAL A 485 -12.92 20.03 -6.02
C VAL A 485 -13.30 21.32 -6.74
N VAL A 486 -12.55 21.66 -7.79
CA VAL A 486 -12.85 22.79 -8.71
C VAL A 486 -13.82 22.24 -9.77
N SER A 487 -15.12 22.18 -9.42
CA SER A 487 -16.21 21.49 -10.18
C SER A 487 -16.28 21.91 -11.65
N ASP A 488 -15.97 23.19 -11.94
CA ASP A 488 -16.06 23.83 -13.28
C ASP A 488 -14.67 24.22 -13.78
N ALA A 489 -13.62 23.52 -13.34
CA ALA A 489 -12.23 23.71 -13.83
C ALA A 489 -12.17 23.46 -15.36
N ASN A 490 -13.11 22.65 -15.85
CA ASN A 490 -13.24 22.17 -17.25
C ASN A 490 -11.83 22.00 -17.86
N VAL A 491 -11.05 21.07 -17.28
CA VAL A 491 -9.67 20.71 -17.76
C VAL A 491 -9.81 19.74 -18.92
N GLU A 492 -9.14 20.02 -20.04
CA GLU A 492 -9.27 19.21 -21.28
C GLU A 492 -8.76 17.79 -21.00
N ALA A 493 -7.55 17.65 -20.44
CA ALA A 493 -6.88 16.35 -20.16
C ALA A 493 -7.84 15.43 -19.38
N CYS A 494 -8.79 15.99 -18.63
CA CYS A 494 -9.71 15.21 -17.77
C CYS A 494 -10.94 14.71 -18.55
N LYS A 495 -11.06 15.01 -19.86
CA LYS A 495 -12.23 14.65 -20.68
C LYS A 495 -11.92 13.43 -21.54
#